data_5EU5
#
_entry.id   5EU5
#
_cell.length_a   56.330
_cell.length_b   79.640
_cell.length_c   57.740
_cell.angle_alpha   90.000
_cell.angle_beta   116.220
_cell.angle_gamma   90.000
#
_symmetry.space_group_name_H-M   'P 1 21 1'
#
loop_
_entity.id
_entity.type
_entity.pdbx_description
1 polymer 'HLA class I histocompatibility antigen, A-2 alpha chain'
2 polymer Beta-2-microglobulin
3 polymer 'Peptide antigen YLEPAPVTA'
4 non-polymer 1,2-ETHANEDIOL
5 non-polymer GLYCEROL
6 non-polymer 'SULFATE ION'
7 water water
#
loop_
_entity_poly.entity_id
_entity_poly.type
_entity_poly.pdbx_seq_one_letter_code
_entity_poly.pdbx_strand_id
1 'polypeptide(L)'
;GSHSMRYFFTSVSRPGRGEPRFIAVGYVDDTQFVRFDSDAASQRMEPRAPWIEQEGPEYWDGETRKVKAHSQTHRVDLGT
LRGYYNQSEAGSHTVQRMYGCDVGSDWRFLRGYHQYAYDGKDYIALKEDLRSWTAADMAAQTTKHKWEAAHVAEQLRAYL
EGTCVEWLRRYLENGKETLQRTDAPKTHMTHHAVSDHEATLRCWALSFYPAEITLTWQRDGEDQTQDTELVETRPAGDGT
FQKWAAVVVPSGQEQRYTCHVQHEGLPKPLTLRWEP
;
A
2 'polypeptide(L)'
;MIQRTPKIQVYSRHPAENGKSNFLNCYVSGFHPSDIEVDLLKNGERIEKVEHSDLSFSKDWSFYLLYYTEFTPTEKDEYA
CRVNHVTLSQPKIVKWDRDM
;
B
3 'polypeptide(L)' YLEPAPVTA C
#
loop_
_chem_comp.id
_chem_comp.type
_chem_comp.name
_chem_comp.formula
EDO non-polymer 1,2-ETHANEDIOL 'C2 H6 O2'
GOL non-polymer GLYCEROL 'C3 H8 O3'
SO4 non-polymer 'SULFATE ION' 'O4 S -2'
#
# COMPACT_ATOMS: atom_id res chain seq x y z
N GLY A 1 12.88 -15.05 -8.20
CA GLY A 1 12.20 -14.86 -6.91
C GLY A 1 10.75 -15.29 -7.10
N SER A 2 10.02 -15.33 -6.00
CA SER A 2 8.57 -15.51 -6.04
C SER A 2 7.84 -14.20 -6.42
N HIS A 3 6.59 -14.36 -6.91
CA HIS A 3 5.79 -13.22 -7.43
C HIS A 3 4.39 -13.39 -7.02
N SER A 4 3.67 -12.29 -6.97
CA SER A 4 2.27 -12.31 -6.61
C SER A 4 1.41 -11.46 -7.53
N MET A 5 0.18 -11.88 -7.69
CA MET A 5 -0.87 -11.04 -8.26
C MET A 5 -1.92 -10.84 -7.17
N ARG A 6 -2.28 -9.59 -6.91
CA ARG A 6 -3.28 -9.28 -5.87
C ARG A 6 -4.25 -8.25 -6.32
N TYR A 7 -5.49 -8.36 -5.86
CA TYR A 7 -6.50 -7.38 -6.10
C TYR A 7 -7.08 -6.95 -4.77
N PHE A 8 -7.23 -5.65 -4.59
CA PHE A 8 -7.72 -5.01 -3.36
C PHE A 8 -9.01 -4.25 -3.74
N PHE A 9 -10.09 -4.36 -2.95
CA PHE A 9 -11.34 -3.73 -3.20
C PHE A 9 -11.82 -3.12 -1.95
N THR A 10 -12.30 -1.90 -2.08
CA THR A 10 -12.93 -1.17 -0.94
C THR A 10 -14.26 -0.62 -1.37
N SER A 11 -15.32 -0.85 -0.58
CA SER A 11 -16.61 -0.16 -0.79
C SER A 11 -17.03 0.50 0.47
N VAL A 12 -17.48 1.75 0.37
CA VAL A 12 -17.88 2.52 1.53
C VAL A 12 -19.28 3.07 1.27
N SER A 13 -20.20 2.79 2.15
CA SER A 13 -21.59 3.20 1.90
C SER A 13 -21.79 4.70 2.08
N ARG A 14 -22.81 5.24 1.41
CA ARG A 14 -23.08 6.68 1.41
C ARG A 14 -24.53 6.84 1.77
N PRO A 15 -24.81 6.76 3.04
CA PRO A 15 -26.18 6.80 3.51
C PRO A 15 -26.96 8.05 3.15
N GLY A 16 -26.29 9.16 2.96
CA GLY A 16 -26.93 10.39 2.63
C GLY A 16 -27.61 10.41 1.24
N ARG A 17 -26.97 9.76 0.33
CA ARG A 17 -27.48 9.73 -1.08
C ARG A 17 -26.65 8.79 -1.88
N GLY A 18 -27.33 7.94 -2.68
CA GLY A 18 -26.63 7.17 -3.68
C GLY A 18 -25.95 5.89 -3.26
N GLU A 19 -25.13 5.36 -4.15
CA GLU A 19 -24.58 4.03 -3.99
C GLU A 19 -23.18 4.13 -3.34
N PRO A 20 -22.66 3.01 -2.92
CA PRO A 20 -21.35 3.09 -2.29
C PRO A 20 -20.22 3.55 -3.20
N ARG A 21 -19.24 4.22 -2.62
CA ARG A 21 -17.98 4.46 -3.27
C ARG A 21 -17.30 3.11 -3.44
N PHE A 22 -16.75 2.79 -4.62
CA PHE A 22 -16.06 1.48 -4.83
C PHE A 22 -14.75 1.76 -5.53
N ILE A 23 -13.68 1.23 -5.00
CA ILE A 23 -12.32 1.44 -5.50
C ILE A 23 -11.65 0.10 -5.55
N ALA A 24 -11.12 -0.28 -6.71
CA ALA A 24 -10.43 -1.57 -6.89
C ALA A 24 -9.04 -1.27 -7.52
N VAL A 25 -8.01 -1.97 -7.02
CA VAL A 25 -6.69 -1.83 -7.61
CA VAL A 25 -6.65 -1.81 -7.49
C VAL A 25 -6.10 -3.20 -7.73
N GLY A 26 -5.36 -3.41 -8.82
CA GLY A 26 -4.64 -4.62 -9.00
C GLY A 26 -3.14 -4.42 -9.06
N TYR A 27 -2.42 -5.36 -8.44
CA TYR A 27 -0.93 -5.31 -8.36
C TYR A 27 -0.34 -6.60 -8.85
N VAL A 28 0.81 -6.49 -9.50
CA VAL A 28 1.79 -7.57 -9.68
C VAL A 28 2.95 -7.19 -8.80
N ASP A 29 3.26 -8.01 -7.83
CA ASP A 29 4.31 -7.64 -6.85
C ASP A 29 3.97 -6.29 -6.26
N ASP A 30 4.90 -5.34 -6.25
CA ASP A 30 4.61 -4.02 -5.73
C ASP A 30 4.29 -3.00 -6.82
N THR A 31 3.84 -3.45 -7.96
CA THR A 31 3.54 -2.58 -9.13
C THR A 31 2.04 -2.60 -9.35
N GLN A 32 1.41 -1.44 -9.22
CA GLN A 32 -0.03 -1.30 -9.55
C GLN A 32 -0.17 -1.34 -11.04
N PHE A 33 -1.08 -2.15 -11.58
CA PHE A 33 -1.27 -2.21 -13.03
C PHE A 33 -2.67 -1.86 -13.55
N VAL A 34 -3.68 -1.90 -12.69
CA VAL A 34 -5.02 -1.49 -13.05
C VAL A 34 -5.70 -0.83 -11.88
N ARG A 35 -6.72 -0.05 -12.18
CA ARG A 35 -7.60 0.54 -11.19
C ARG A 35 -9.01 0.68 -11.72
N PHE A 36 -9.94 0.70 -10.80
CA PHE A 36 -11.32 1.09 -11.06
C PHE A 36 -11.76 1.96 -9.95
N ASP A 37 -12.35 3.11 -10.25
CA ASP A 37 -12.96 3.92 -9.22
C ASP A 37 -14.36 4.35 -9.65
N SER A 38 -15.36 4.00 -8.88
CA SER A 38 -16.74 4.30 -9.23
C SER A 38 -17.00 5.83 -9.39
N ASP A 39 -16.16 6.66 -8.77
CA ASP A 39 -16.33 8.13 -8.92
C ASP A 39 -15.67 8.68 -10.22
N ALA A 40 -14.82 7.89 -10.88
CA ALA A 40 -14.10 8.37 -12.04
C ALA A 40 -15.05 8.33 -13.27
N ALA A 41 -14.80 9.22 -14.18
CA ALA A 41 -15.67 9.37 -15.38
C ALA A 41 -15.72 8.16 -16.29
N SER A 42 -14.62 7.42 -16.44
CA SER A 42 -14.58 6.41 -17.50
C SER A 42 -15.56 5.24 -17.29
N GLN A 43 -15.77 4.86 -16.03
CA GLN A 43 -16.52 3.67 -15.73
C GLN A 43 -15.94 2.46 -16.39
N ARG A 44 -14.64 2.46 -16.50
CA ARG A 44 -13.89 1.36 -17.08
C ARG A 44 -12.75 0.98 -16.16
N MET A 45 -12.36 -0.28 -16.19
CA MET A 45 -11.04 -0.62 -15.66
C MET A 45 -10.00 0.11 -16.49
N GLU A 46 -9.00 0.70 -15.80
CA GLU A 46 -8.02 1.58 -16.45
C GLU A 46 -6.61 1.07 -16.22
N PRO A 47 -5.76 1.20 -17.20
CA PRO A 47 -4.39 0.79 -17.02
C PRO A 47 -3.63 1.72 -16.15
N ARG A 48 -2.66 1.16 -15.42
CA ARG A 48 -1.75 1.93 -14.56
C ARG A 48 -0.26 1.53 -14.72
N ALA A 49 -0.02 0.59 -15.61
CA ALA A 49 1.36 0.23 -16.04
C ALA A 49 1.38 0.12 -17.56
N PRO A 50 2.48 0.53 -18.20
CA PRO A 50 2.51 0.39 -19.67
C PRO A 50 2.35 -0.97 -20.26
N TRP A 51 2.87 -2.00 -19.59
CA TRP A 51 2.79 -3.33 -20.10
C TRP A 51 1.40 -3.90 -20.18
N ILE A 52 0.44 -3.39 -19.40
CA ILE A 52 -0.91 -3.90 -19.54
C ILE A 52 -1.66 -3.29 -20.73
N GLU A 53 -1.15 -2.18 -21.23
CA GLU A 53 -1.79 -1.49 -22.34
C GLU A 53 -1.83 -2.23 -23.61
N GLN A 54 -0.99 -3.24 -23.73
CA GLN A 54 -0.98 -4.07 -24.94
C GLN A 54 -2.12 -5.08 -24.94
N GLU A 55 -2.80 -5.28 -23.82
CA GLU A 55 -4.00 -6.12 -23.86
C GLU A 55 -5.10 -5.47 -24.68
N GLY A 56 -5.81 -6.30 -25.42
CA GLY A 56 -6.79 -5.84 -26.37
C GLY A 56 -8.14 -5.55 -25.78
N PRO A 57 -9.05 -5.07 -26.62
CA PRO A 57 -10.37 -4.64 -26.15
C PRO A 57 -11.18 -5.69 -25.43
N GLU A 58 -11.09 -6.95 -25.85
N GLU A 58 -11.13 -6.95 -25.86
CA GLU A 58 -11.78 -8.01 -25.19
CA GLU A 58 -11.79 -8.04 -25.15
C GLU A 58 -11.29 -8.22 -23.72
C GLU A 58 -11.31 -8.12 -23.69
N TYR A 59 -10.00 -8.00 -23.48
CA TYR A 59 -9.45 -8.03 -22.07
C TYR A 59 -10.13 -6.92 -21.27
N TRP A 60 -10.07 -5.71 -21.83
CA TRP A 60 -10.54 -4.55 -21.07
C TRP A 60 -12.06 -4.60 -20.81
N ASP A 61 -12.81 -5.00 -21.82
CA ASP A 61 -14.28 -5.21 -21.65
C ASP A 61 -14.60 -6.26 -20.57
N GLY A 62 -13.86 -7.37 -20.55
CA GLY A 62 -14.08 -8.42 -19.58
C GLY A 62 -13.66 -8.00 -18.20
N GLU A 63 -12.54 -7.27 -18.06
CA GLU A 63 -12.17 -6.82 -16.74
C GLU A 63 -13.12 -5.76 -16.18
N THR A 64 -13.61 -4.90 -17.06
CA THR A 64 -14.60 -3.91 -16.66
C THR A 64 -15.89 -4.59 -16.18
N ARG A 65 -16.40 -5.56 -16.94
CA ARG A 65 -17.58 -6.33 -16.51
C ARG A 65 -17.38 -6.99 -15.15
N LYS A 66 -16.25 -7.67 -14.98
CA LYS A 66 -15.99 -8.35 -13.72
C LYS A 66 -15.83 -7.39 -12.55
N VAL A 67 -15.19 -6.24 -12.76
CA VAL A 67 -14.94 -5.38 -11.64
C VAL A 67 -16.29 -4.79 -11.20
N LYS A 68 -17.13 -4.45 -12.17
CA LYS A 68 -18.49 -3.94 -11.85
C LYS A 68 -19.29 -4.98 -11.10
N ALA A 69 -19.14 -6.25 -11.47
CA ALA A 69 -19.82 -7.33 -10.71
C ALA A 69 -19.32 -7.40 -9.26
N HIS A 70 -18.03 -7.19 -9.03
CA HIS A 70 -17.51 -7.08 -7.66
C HIS A 70 -18.17 -5.91 -6.92
N SER A 71 -18.30 -4.76 -7.61
CA SER A 71 -18.97 -3.59 -6.96
C SER A 71 -20.38 -3.88 -6.51
N GLN A 72 -21.11 -4.57 -7.33
CA GLN A 72 -22.49 -4.91 -7.04
C GLN A 72 -22.55 -5.92 -5.84
N THR A 73 -21.67 -6.92 -5.85
CA THR A 73 -21.60 -7.82 -4.72
C THR A 73 -21.35 -7.10 -3.42
N HIS A 74 -20.36 -6.16 -3.42
CA HIS A 74 -20.08 -5.39 -2.25
C HIS A 74 -21.26 -4.51 -1.83
N ARG A 75 -21.96 -3.94 -2.78
CA ARG A 75 -23.16 -3.14 -2.44
C ARG A 75 -24.16 -4.01 -1.69
N VAL A 76 -24.46 -5.18 -2.23
CA VAL A 76 -25.43 -6.07 -1.61
C VAL A 76 -24.95 -6.45 -0.21
N ASP A 77 -23.67 -6.78 -0.12
CA ASP A 77 -23.09 -7.17 1.19
C ASP A 77 -23.18 -6.07 2.22
N LEU A 78 -22.95 -4.81 1.86
CA LEU A 78 -23.14 -3.73 2.79
C LEU A 78 -24.55 -3.73 3.36
N GLY A 79 -25.55 -3.96 2.52
CA GLY A 79 -26.89 -4.10 3.05
C GLY A 79 -27.10 -5.31 3.95
N THR A 80 -26.60 -6.49 3.52
CA THR A 80 -26.81 -7.68 4.26
C THR A 80 -26.14 -7.59 5.64
N LEU A 81 -24.88 -7.13 5.63
CA LEU A 81 -24.14 -7.00 6.89
C LEU A 81 -24.72 -5.96 7.87
N ARG A 82 -25.23 -4.85 7.35
N ARG A 82 -25.24 -4.85 7.34
CA ARG A 82 -25.91 -3.89 8.20
CA ARG A 82 -25.97 -3.90 8.19
C ARG A 82 -27.07 -4.57 8.97
C ARG A 82 -26.99 -4.67 9.01
N GLY A 83 -27.75 -5.50 8.31
CA GLY A 83 -28.81 -6.26 8.94
C GLY A 83 -28.24 -7.29 9.90
N TYR A 84 -27.20 -8.01 9.49
CA TYR A 84 -26.63 -9.04 10.39
C TYR A 84 -26.17 -8.43 11.70
N TYR A 85 -25.62 -7.22 11.66
CA TYR A 85 -25.09 -6.56 12.84
C TYR A 85 -26.07 -5.56 13.52
N ASN A 86 -27.30 -5.55 13.07
CA ASN A 86 -28.36 -4.71 13.62
C ASN A 86 -27.96 -3.24 13.69
N GLN A 87 -27.39 -2.73 12.59
CA GLN A 87 -26.86 -1.37 12.55
C GLN A 87 -27.88 -0.45 11.92
N SER A 88 -27.84 0.83 12.23
CA SER A 88 -28.84 1.70 11.63
C SER A 88 -28.48 2.01 10.18
N GLU A 89 -29.48 2.40 9.43
CA GLU A 89 -29.30 2.87 8.08
C GLU A 89 -28.59 4.20 7.99
N ALA A 90 -28.37 4.87 9.10
CA ALA A 90 -27.84 6.22 9.08
C ALA A 90 -26.34 6.29 8.91
N GLY A 91 -25.64 5.21 9.23
CA GLY A 91 -24.18 5.29 9.31
C GLY A 91 -23.54 4.73 8.07
N SER A 92 -22.34 5.18 7.78
CA SER A 92 -21.50 4.63 6.70
C SER A 92 -20.69 3.46 7.20
N HIS A 93 -20.63 2.42 6.38
CA HIS A 93 -19.85 1.24 6.67
C HIS A 93 -18.93 0.91 5.54
N THR A 94 -18.00 -0.01 5.79
CA THR A 94 -16.95 -0.36 4.82
C THR A 94 -16.81 -1.84 4.68
N VAL A 95 -16.71 -2.31 3.43
CA VAL A 95 -16.26 -3.68 3.15
C VAL A 95 -14.91 -3.63 2.43
N GLN A 96 -13.98 -4.51 2.78
CA GLN A 96 -12.70 -4.62 2.11
C GLN A 96 -12.45 -6.06 1.75
N ARG A 97 -11.93 -6.28 0.54
CA ARG A 97 -11.68 -7.64 0.05
C ARG A 97 -10.28 -7.65 -0.57
N MET A 98 -9.54 -8.68 -0.38
CA MET A 98 -8.27 -8.85 -1.05
C MET A 98 -8.16 -10.27 -1.43
N TYR A 99 -7.71 -10.55 -2.67
CA TYR A 99 -7.40 -11.93 -3.03
C TYR A 99 -6.26 -11.95 -3.99
N GLY A 100 -5.68 -13.12 -4.16
CA GLY A 100 -4.58 -13.27 -5.13
C GLY A 100 -3.89 -14.56 -5.03
N CYS A 101 -2.78 -14.67 -5.76
CA CYS A 101 -2.09 -15.91 -5.91
C CYS A 101 -0.60 -15.58 -6.01
N ASP A 102 0.21 -16.45 -5.48
CA ASP A 102 1.66 -16.38 -5.59
C ASP A 102 2.17 -17.54 -6.41
N VAL A 103 3.25 -17.32 -7.13
CA VAL A 103 4.05 -18.38 -7.74
C VAL A 103 5.43 -18.30 -7.10
N GLY A 104 6.07 -19.49 -7.05
CA GLY A 104 7.42 -19.64 -6.50
C GLY A 104 8.48 -19.24 -7.49
N SER A 105 9.74 -19.32 -7.07
CA SER A 105 10.83 -19.07 -7.99
C SER A 105 10.84 -20.06 -9.16
N ASP A 106 10.26 -21.24 -8.89
CA ASP A 106 10.05 -22.26 -9.92
C ASP A 106 8.89 -22.00 -10.87
N TRP A 107 8.19 -20.84 -10.73
CA TRP A 107 7.12 -20.36 -11.58
C TRP A 107 5.81 -21.18 -11.38
N ARG A 108 5.81 -22.08 -10.39
CA ARG A 108 4.64 -22.91 -10.16
C ARG A 108 3.80 -22.27 -9.04
N PHE A 109 2.50 -22.59 -9.01
CA PHE A 109 1.66 -22.17 -7.93
C PHE A 109 2.25 -22.41 -6.56
N LEU A 110 2.26 -21.37 -5.72
CA LEU A 110 2.79 -21.43 -4.36
C LEU A 110 1.68 -21.34 -3.31
N ARG A 111 0.84 -20.31 -3.40
CA ARG A 111 -0.29 -20.16 -2.48
C ARG A 111 -1.33 -19.25 -3.04
N GLY A 112 -2.51 -19.35 -2.47
CA GLY A 112 -3.60 -18.46 -2.77
C GLY A 112 -4.26 -17.95 -1.55
N TYR A 113 -5.01 -16.87 -1.73
CA TYR A 113 -5.72 -16.29 -0.58
C TYR A 113 -6.89 -15.45 -0.99
N HIS A 114 -7.79 -15.27 -0.04
CA HIS A 114 -9.02 -14.53 -0.26
C HIS A 114 -9.60 -14.13 1.07
N GLN A 115 -9.58 -12.83 1.35
CA GLN A 115 -9.88 -12.34 2.70
C GLN A 115 -10.89 -11.22 2.58
N TYR A 116 -11.79 -11.11 3.56
CA TYR A 116 -12.88 -10.11 3.54
C TYR A 116 -13.02 -9.53 4.94
N ALA A 117 -13.16 -8.21 5.00
CA ALA A 117 -13.34 -7.48 6.27
C ALA A 117 -14.55 -6.59 6.23
N TYR A 118 -15.15 -6.37 7.38
CA TYR A 118 -16.26 -5.44 7.54
C TYR A 118 -15.92 -4.47 8.64
N ASP A 119 -16.06 -3.20 8.32
CA ASP A 119 -15.70 -2.11 9.28
C ASP A 119 -14.27 -2.29 9.90
N GLY A 120 -13.37 -2.71 9.04
CA GLY A 120 -11.97 -2.87 9.38
C GLY A 120 -11.58 -4.05 10.25
N LYS A 121 -12.50 -5.02 10.39
N LYS A 121 -12.48 -5.02 10.43
CA LYS A 121 -12.29 -6.22 11.20
CA LYS A 121 -12.09 -6.22 11.16
C LYS A 121 -12.41 -7.45 10.29
C LYS A 121 -12.37 -7.43 10.28
N ASP A 122 -11.60 -8.47 10.54
CA ASP A 122 -11.71 -9.70 9.80
C ASP A 122 -13.14 -10.20 9.84
N TYR A 123 -13.64 -10.65 8.71
CA TYR A 123 -14.97 -11.18 8.60
C TYR A 123 -14.88 -12.69 8.25
N ILE A 124 -14.45 -12.97 6.99
CA ILE A 124 -14.29 -14.35 6.55
C ILE A 124 -13.07 -14.42 5.63
N ALA A 125 -12.39 -15.56 5.63
CA ALA A 125 -11.23 -15.78 4.79
C ALA A 125 -11.07 -17.22 4.43
N LEU A 126 -10.53 -17.47 3.23
CA LEU A 126 -10.17 -18.84 2.84
C LEU A 126 -8.98 -19.27 3.64
N LYS A 127 -9.01 -20.51 4.11
CA LYS A 127 -7.82 -21.07 4.76
C LYS A 127 -6.75 -21.33 3.66
N GLU A 128 -5.49 -21.52 4.07
CA GLU A 128 -4.37 -21.80 3.17
C GLU A 128 -4.60 -22.99 2.26
N ASP A 129 -5.32 -23.99 2.74
CA ASP A 129 -5.58 -25.14 1.91
C ASP A 129 -6.58 -24.89 0.79
N LEU A 130 -7.22 -23.72 0.80
CA LEU A 130 -8.19 -23.32 -0.20
C LEU A 130 -9.44 -24.23 -0.24
N ARG A 131 -9.70 -24.92 0.85
CA ARG A 131 -10.79 -25.86 0.94
C ARG A 131 -11.84 -25.47 1.96
N SER A 132 -11.52 -24.55 2.90
CA SER A 132 -12.42 -24.23 3.98
C SER A 132 -12.23 -22.78 4.34
N TRP A 133 -13.13 -22.32 5.20
CA TRP A 133 -13.19 -20.89 5.55
C TRP A 133 -12.97 -20.68 7.02
N THR A 134 -12.43 -19.51 7.37
CA THR A 134 -12.28 -19.03 8.76
C THR A 134 -13.31 -17.88 8.91
N ALA A 135 -14.32 -18.03 9.77
CA ALA A 135 -15.38 -17.03 10.04
C ALA A 135 -15.14 -16.49 11.46
N ALA A 136 -15.06 -15.15 11.57
CA ALA A 136 -14.65 -14.55 12.85
C ALA A 136 -15.73 -14.47 13.90
N ASP A 137 -17.01 -14.52 13.49
CA ASP A 137 -18.12 -14.33 14.38
C ASP A 137 -19.37 -15.01 13.80
N MET A 138 -20.51 -14.90 14.44
CA MET A 138 -21.71 -15.65 14.01
C MET A 138 -22.29 -15.07 12.73
N ALA A 139 -22.11 -13.79 12.44
CA ALA A 139 -22.50 -13.25 11.14
C ALA A 139 -21.69 -13.91 10.00
N ALA A 140 -20.37 -13.96 10.17
CA ALA A 140 -19.52 -14.60 9.19
C ALA A 140 -19.79 -16.09 9.13
N GLN A 141 -20.14 -16.75 10.25
CA GLN A 141 -20.51 -18.15 10.22
C GLN A 141 -21.69 -18.45 9.27
N THR A 142 -22.63 -17.53 9.25
CA THR A 142 -23.82 -17.60 8.36
C THR A 142 -23.36 -17.54 6.92
N THR A 143 -22.46 -16.63 6.62
CA THR A 143 -21.86 -16.52 5.25
C THR A 143 -21.13 -17.79 4.92
N LYS A 144 -20.38 -18.32 5.88
CA LYS A 144 -19.62 -19.54 5.64
C LYS A 144 -20.54 -20.70 5.27
N HIS A 145 -21.67 -20.84 5.94
CA HIS A 145 -22.59 -21.92 5.59
C HIS A 145 -23.15 -21.74 4.18
N LYS A 146 -23.49 -20.54 3.81
CA LYS A 146 -23.92 -20.23 2.42
C LYS A 146 -22.85 -20.61 1.40
N TRP A 147 -21.63 -20.22 1.71
CA TRP A 147 -20.53 -20.46 0.74
C TRP A 147 -20.16 -21.91 0.65
N GLU A 148 -20.25 -22.62 1.75
CA GLU A 148 -20.03 -24.06 1.71
C GLU A 148 -21.05 -24.72 0.82
N ALA A 149 -22.32 -24.34 0.99
CA ALA A 149 -23.41 -24.97 0.20
C ALA A 149 -23.33 -24.60 -1.30
N ALA A 150 -22.80 -23.45 -1.61
CA ALA A 150 -22.63 -23.00 -2.99
C ALA A 150 -21.27 -23.44 -3.62
N HIS A 151 -20.45 -24.19 -2.87
CA HIS A 151 -19.13 -24.67 -3.34
C HIS A 151 -18.24 -23.54 -3.83
N VAL A 152 -18.23 -22.44 -3.07
CA VAL A 152 -17.48 -21.27 -3.40
C VAL A 152 -15.98 -21.57 -3.33
N ALA A 153 -15.56 -22.29 -2.29
CA ALA A 153 -14.10 -22.59 -2.16
C ALA A 153 -13.60 -23.39 -3.34
N GLU A 154 -14.36 -24.37 -3.80
CA GLU A 154 -13.94 -25.16 -5.00
C GLU A 154 -13.73 -24.28 -6.21
N GLN A 155 -14.63 -23.31 -6.42
CA GLN A 155 -14.49 -22.45 -7.60
C GLN A 155 -13.35 -21.50 -7.45
N LEU A 156 -13.12 -20.98 -6.24
CA LEU A 156 -12.03 -20.10 -6.01
C LEU A 156 -10.71 -20.85 -6.12
N ARG A 157 -10.67 -22.07 -5.60
CA ARG A 157 -9.43 -22.80 -5.69
C ARG A 157 -9.06 -23.00 -7.16
N ALA A 158 -10.03 -23.30 -8.01
CA ALA A 158 -9.75 -23.48 -9.44
C ALA A 158 -9.17 -22.21 -10.07
N TYR A 159 -9.77 -21.06 -9.74
CA TYR A 159 -9.25 -19.77 -10.18
C TYR A 159 -7.82 -19.53 -9.65
N LEU A 160 -7.60 -19.74 -8.35
CA LEU A 160 -6.33 -19.35 -7.70
C LEU A 160 -5.19 -20.22 -8.16
N GLU A 161 -5.44 -21.52 -8.37
CA GLU A 161 -4.42 -22.45 -8.83
C GLU A 161 -4.25 -22.49 -10.34
N GLY A 162 -5.20 -21.94 -11.10
CA GLY A 162 -5.25 -22.12 -12.53
C GLY A 162 -5.14 -20.74 -13.18
N THR A 163 -6.27 -20.14 -13.47
CA THR A 163 -6.35 -18.84 -14.11
C THR A 163 -5.47 -17.76 -13.54
N CYS A 164 -5.48 -17.64 -12.22
CA CYS A 164 -4.75 -16.57 -11.57
C CYS A 164 -3.27 -16.68 -11.88
N VAL A 165 -2.70 -17.87 -11.72
N VAL A 165 -2.74 -17.89 -11.69
CA VAL A 165 -1.25 -17.99 -11.97
CA VAL A 165 -1.34 -18.17 -11.93
C VAL A 165 -0.93 -17.97 -13.45
C VAL A 165 -0.97 -17.98 -13.40
N GLU A 166 -1.84 -18.40 -14.31
CA GLU A 166 -1.59 -18.30 -15.75
C GLU A 166 -1.47 -16.84 -16.16
N TRP A 167 -2.38 -16.05 -15.62
CA TRP A 167 -2.35 -14.60 -15.96
C TRP A 167 -1.19 -13.89 -15.31
N LEU A 168 -0.85 -14.25 -14.04
CA LEU A 168 0.33 -13.69 -13.45
C LEU A 168 1.57 -13.97 -14.29
N ARG A 169 1.68 -15.21 -14.80
CA ARG A 169 2.83 -15.58 -15.67
C ARG A 169 2.85 -14.74 -16.95
N ARG A 170 1.66 -14.50 -17.52
CA ARG A 170 1.55 -13.72 -18.72
C ARG A 170 2.02 -12.27 -18.44
N TYR A 171 1.57 -11.71 -17.34
CA TYR A 171 1.93 -10.33 -17.01
C TYR A 171 3.43 -10.23 -16.78
N LEU A 172 3.98 -11.19 -16.02
CA LEU A 172 5.42 -11.23 -15.73
C LEU A 172 6.26 -11.23 -16.99
N GLU A 173 5.83 -11.92 -18.03
CA GLU A 173 6.54 -11.97 -19.31
C GLU A 173 6.34 -10.63 -20.07
N ASN A 174 5.13 -10.21 -20.21
CA ASN A 174 4.83 -8.95 -20.92
C ASN A 174 5.44 -7.67 -20.25
N GLY A 175 5.52 -7.67 -18.92
CA GLY A 175 6.11 -6.55 -18.16
C GLY A 175 7.54 -6.86 -17.69
N LYS A 176 8.19 -7.86 -18.26
CA LYS A 176 9.47 -8.35 -17.73
C LYS A 176 10.52 -7.32 -17.53
N GLU A 177 10.61 -6.37 -18.45
CA GLU A 177 11.69 -5.41 -18.32
C GLU A 177 11.65 -4.58 -17.03
N THR A 178 10.49 -4.46 -16.44
CA THR A 178 10.36 -3.87 -15.10
C THR A 178 10.04 -4.90 -14.03
N LEU A 179 9.05 -5.77 -14.29
CA LEU A 179 8.62 -6.68 -13.23
C LEU A 179 9.64 -7.71 -12.82
N GLN A 180 10.56 -8.07 -13.70
CA GLN A 180 11.60 -9.04 -13.41
C GLN A 180 12.97 -8.42 -13.22
N ARG A 181 13.02 -7.15 -12.95
N ARG A 181 12.96 -7.11 -12.94
CA ARG A 181 14.29 -6.56 -12.52
CA ARG A 181 14.13 -6.25 -12.58
C ARG A 181 14.12 -5.95 -11.15
C ARG A 181 14.08 -5.87 -11.11
N THR A 182 15.18 -6.08 -10.37
CA THR A 182 15.27 -5.51 -9.05
C THR A 182 16.04 -4.18 -9.18
N ASP A 183 15.64 -3.20 -8.40
CA ASP A 183 16.41 -1.98 -8.20
C ASP A 183 16.93 -2.00 -6.78
N ALA A 184 18.25 -2.28 -6.66
CA ALA A 184 18.87 -2.25 -5.34
C ALA A 184 18.89 -0.88 -4.73
N PRO A 185 18.87 -0.80 -3.42
CA PRO A 185 18.82 0.48 -2.75
C PRO A 185 20.10 1.28 -3.05
N LYS A 186 19.88 2.56 -3.31
CA LYS A 186 20.93 3.56 -3.37
C LYS A 186 21.08 4.09 -1.97
N THR A 187 22.23 3.90 -1.34
CA THR A 187 22.35 4.19 0.06
C THR A 187 23.25 5.35 0.35
N HIS A 188 23.08 5.94 1.54
N HIS A 188 23.01 6.05 1.45
CA HIS A 188 23.71 7.18 1.93
CA HIS A 188 23.99 6.96 1.95
C HIS A 188 23.60 7.36 3.44
C HIS A 188 23.76 7.14 3.43
N MET A 189 24.64 7.87 4.08
N MET A 189 24.58 7.99 4.02
CA MET A 189 24.51 8.20 5.50
CA MET A 189 24.52 8.27 5.44
C MET A 189 24.70 9.69 5.75
C MET A 189 24.60 9.76 5.62
N THR A 190 23.83 10.29 6.56
CA THR A 190 23.94 11.69 6.99
C THR A 190 24.27 11.76 8.49
N HIS A 191 24.84 12.89 8.88
CA HIS A 191 25.32 13.11 10.23
C HIS A 191 24.78 14.45 10.69
N HIS A 192 24.19 14.50 11.88
CA HIS A 192 23.78 15.74 12.51
C HIS A 192 24.23 15.81 13.93
N ALA A 193 24.82 16.92 14.31
CA ALA A 193 25.02 17.14 15.71
C ALA A 193 23.67 17.40 16.36
N VAL A 194 23.34 16.73 17.45
CA VAL A 194 22.11 17.02 18.18
C VAL A 194 22.33 17.66 19.55
N SER A 195 23.59 17.69 20.01
CA SER A 195 23.98 18.44 21.18
C SER A 195 25.52 18.55 21.08
N ASP A 196 26.15 19.04 22.12
CA ASP A 196 27.60 19.12 22.17
C ASP A 196 28.22 17.72 22.23
N HIS A 197 27.45 16.75 22.66
CA HIS A 197 27.99 15.47 23.03
C HIS A 197 27.41 14.29 22.27
N GLU A 198 26.44 14.51 21.37
CA GLU A 198 25.78 13.42 20.71
C GLU A 198 25.56 13.81 19.29
N ALA A 199 25.51 12.82 18.43
CA ALA A 199 25.20 12.99 17.04
C ALA A 199 24.15 11.97 16.62
N THR A 200 23.38 12.29 15.60
CA THR A 200 22.47 11.37 14.99
C THR A 200 23.04 10.96 13.63
N LEU A 201 23.14 9.66 13.42
CA LEU A 201 23.48 9.10 12.12
C LEU A 201 22.23 8.58 11.50
N ARG A 202 21.97 8.91 10.22
CA ARG A 202 20.77 8.46 9.53
C ARG A 202 21.21 7.71 8.29
N CYS A 203 20.82 6.44 8.19
CA CYS A 203 21.11 5.56 7.08
C CYS A 203 19.90 5.58 6.14
N TRP A 204 20.13 5.94 4.87
CA TRP A 204 19.11 6.07 3.82
C TRP A 204 19.21 4.94 2.81
N ALA A 205 18.03 4.44 2.41
CA ALA A 205 17.90 3.54 1.34
C ALA A 205 16.90 4.11 0.35
N LEU A 206 17.36 4.43 -0.86
CA LEU A 206 16.53 5.10 -1.83
C LEU A 206 16.38 4.37 -3.12
N SER A 207 15.23 4.58 -3.79
CA SER A 207 15.09 4.18 -5.20
C SER A 207 15.10 2.66 -5.40
N PHE A 208 14.53 1.94 -4.44
CA PHE A 208 14.61 0.50 -4.50
C PHE A 208 13.28 -0.14 -4.93
N TYR A 209 13.38 -1.35 -5.43
CA TYR A 209 12.18 -2.13 -5.84
C TYR A 209 12.62 -3.59 -5.81
N PRO A 210 11.88 -4.50 -5.17
CA PRO A 210 10.56 -4.28 -4.55
C PRO A 210 10.69 -3.61 -3.19
N ALA A 211 9.55 -3.41 -2.53
CA ALA A 211 9.53 -2.61 -1.34
C ALA A 211 10.13 -3.27 -0.12
N GLU A 212 10.14 -4.62 -0.07
CA GLU A 212 10.69 -5.31 1.10
C GLU A 212 12.20 -4.96 1.30
N ILE A 213 12.60 -4.58 2.50
CA ILE A 213 13.96 -4.22 2.81
C ILE A 213 14.18 -4.43 4.30
N THR A 214 15.41 -4.65 4.74
CA THR A 214 15.71 -4.63 6.20
C THR A 214 16.88 -3.68 6.37
N LEU A 215 16.73 -2.71 7.25
CA LEU A 215 17.75 -1.75 7.66
C LEU A 215 17.96 -2.00 9.12
N THR A 216 19.18 -2.33 9.49
CA THR A 216 19.47 -2.56 10.94
C THR A 216 20.77 -1.83 11.32
N TRP A 217 20.85 -1.33 12.54
CA TRP A 217 22.08 -0.74 13.05
C TRP A 217 22.76 -1.71 13.94
N GLN A 218 24.10 -1.72 13.90
CA GLN A 218 24.95 -2.48 14.80
C GLN A 218 25.94 -1.56 15.48
N ARG A 219 26.22 -1.85 16.76
CA ARG A 219 27.29 -1.18 17.49
C ARG A 219 28.36 -2.21 17.75
N ASP A 220 29.59 -2.01 17.30
CA ASP A 220 30.66 -3.00 17.45
C ASP A 220 30.19 -4.40 16.97
N GLY A 221 29.42 -4.44 15.88
CA GLY A 221 29.02 -5.68 15.29
C GLY A 221 27.87 -6.41 15.97
N GLU A 222 27.21 -5.76 16.94
CA GLU A 222 26.00 -6.32 17.54
C GLU A 222 24.80 -5.46 17.26
N ASP A 223 23.68 -6.07 16.88
CA ASP A 223 22.45 -5.32 16.62
C ASP A 223 22.03 -4.41 17.77
N GLN A 224 21.69 -3.17 17.43
CA GLN A 224 21.17 -2.20 18.38
C GLN A 224 19.79 -1.70 17.96
N THR A 225 18.85 -1.73 18.91
CA THR A 225 17.51 -1.13 18.70
C THR A 225 17.26 0.09 19.61
N GLN A 226 17.81 0.12 20.79
CA GLN A 226 17.68 1.27 21.66
C GLN A 226 18.31 2.47 20.98
N ASP A 227 17.69 3.61 21.21
CA ASP A 227 18.21 4.89 20.70
C ASP A 227 18.22 4.90 19.18
N THR A 228 17.33 4.15 18.57
CA THR A 228 17.15 4.18 17.12
C THR A 228 15.73 4.55 16.75
N GLU A 229 15.59 4.98 15.50
CA GLU A 229 14.29 5.34 14.91
C GLU A 229 14.27 4.80 13.50
N LEU A 230 13.14 4.22 13.11
CA LEU A 230 12.93 3.66 11.80
C LEU A 230 11.65 4.34 11.25
N VAL A 231 11.64 4.71 9.99
CA VAL A 231 10.37 5.07 9.36
C VAL A 231 9.79 3.92 8.54
N GLU A 232 8.49 3.91 8.40
CA GLU A 232 7.81 3.03 7.50
C GLU A 232 8.36 3.22 6.08
N THR A 233 8.51 2.14 5.35
CA THR A 233 8.86 2.18 3.95
C THR A 233 7.80 2.97 3.22
N ARG A 234 8.24 3.88 2.37
CA ARG A 234 7.35 4.82 1.74
C ARG A 234 7.57 4.89 0.23
N PRO A 235 6.57 5.20 -0.51
CA PRO A 235 6.68 5.30 -1.94
C PRO A 235 7.32 6.59 -2.41
N ALA A 236 8.17 6.47 -3.40
CA ALA A 236 8.78 7.70 -3.95
C ALA A 236 7.85 8.37 -4.95
N GLY A 237 6.93 7.63 -5.55
CA GLY A 237 6.00 8.14 -6.56
C GLY A 237 6.37 7.77 -7.97
N ASP A 238 7.58 7.19 -8.18
CA ASP A 238 8.04 6.79 -9.50
C ASP A 238 8.09 5.28 -9.62
N GLY A 239 7.40 4.60 -8.72
CA GLY A 239 7.44 3.13 -8.68
C GLY A 239 8.43 2.51 -7.74
N THR A 240 9.35 3.30 -7.20
CA THR A 240 10.31 2.83 -6.22
C THR A 240 9.94 3.26 -4.83
N PHE A 241 10.76 2.80 -3.88
CA PHE A 241 10.55 2.98 -2.44
C PHE A 241 11.76 3.60 -1.76
N GLN A 242 11.48 4.11 -0.54
CA GLN A 242 12.47 4.78 0.30
C GLN A 242 12.31 4.30 1.73
N LYS A 243 13.39 4.32 2.49
CA LYS A 243 13.34 4.11 3.98
C LYS A 243 14.56 4.72 4.59
N TRP A 244 14.48 5.10 5.88
CA TRP A 244 15.67 5.40 6.60
C TRP A 244 15.57 4.85 8.01
N ALA A 245 16.73 4.77 8.63
CA ALA A 245 16.88 4.36 10.05
C ALA A 245 17.96 5.28 10.64
N ALA A 246 17.77 5.70 11.88
CA ALA A 246 18.71 6.57 12.53
C ALA A 246 19.05 6.05 13.91
N VAL A 247 20.21 6.46 14.35
CA VAL A 247 20.71 6.12 15.70
C VAL A 247 21.36 7.33 16.32
N VAL A 248 21.19 7.54 17.63
N VAL A 248 21.22 7.50 17.63
CA VAL A 248 21.91 8.60 18.36
CA VAL A 248 21.88 8.59 18.38
C VAL A 248 23.10 7.94 19.02
C VAL A 248 23.08 7.98 19.10
N VAL A 249 24.25 8.60 18.92
CA VAL A 249 25.52 8.05 19.34
C VAL A 249 26.33 9.13 20.04
N PRO A 250 27.23 8.73 20.93
CA PRO A 250 28.12 9.70 21.54
C PRO A 250 29.06 10.31 20.50
N SER A 251 29.24 11.62 20.54
CA SER A 251 30.08 12.27 19.60
C SER A 251 31.49 11.74 19.73
N GLY A 252 32.08 11.40 18.57
CA GLY A 252 33.40 10.83 18.52
C GLY A 252 33.41 9.32 18.40
N GLN A 253 32.27 8.69 18.57
CA GLN A 253 32.15 7.20 18.53
C GLN A 253 31.41 6.71 17.33
N GLU A 254 31.18 7.60 16.36
CA GLU A 254 30.46 7.25 15.15
C GLU A 254 30.94 6.03 14.43
N GLN A 255 32.23 5.83 14.41
CA GLN A 255 32.83 4.73 13.68
C GLN A 255 32.53 3.34 14.25
N ARG A 256 32.01 3.29 15.48
CA ARG A 256 31.58 1.99 16.06
C ARG A 256 30.33 1.43 15.42
N TYR A 257 29.57 2.28 14.70
CA TYR A 257 28.22 1.98 14.31
C TYR A 257 28.22 1.67 12.84
N THR A 258 27.47 0.65 12.48
CA THR A 258 27.31 0.28 11.04
C THR A 258 25.84 0.09 10.75
N CYS A 259 25.39 0.50 9.55
CA CYS A 259 24.05 0.27 9.09
C CYS A 259 24.12 -0.83 8.04
N HIS A 260 23.25 -1.84 8.17
CA HIS A 260 23.28 -3.07 7.38
C HIS A 260 22.01 -3.05 6.57
N VAL A 261 22.16 -3.19 5.27
CA VAL A 261 21.07 -3.13 4.31
C VAL A 261 20.90 -4.42 3.56
N GLN A 262 19.70 -5.05 3.67
CA GLN A 262 19.42 -6.31 3.00
C GLN A 262 18.24 -6.06 2.07
N HIS A 263 18.38 -6.53 0.87
CA HIS A 263 17.40 -6.35 -0.18
C HIS A 263 17.60 -7.41 -1.28
N GLU A 264 16.50 -7.78 -1.95
CA GLU A 264 16.55 -8.79 -3.01
C GLU A 264 17.56 -8.44 -4.11
N GLY A 265 17.78 -7.14 -4.29
CA GLY A 265 18.64 -6.65 -5.34
C GLY A 265 20.10 -6.64 -4.98
N LEU A 266 20.42 -7.02 -3.75
CA LEU A 266 21.80 -7.03 -3.20
C LEU A 266 22.24 -8.44 -2.92
N PRO A 267 23.17 -8.94 -3.73
CA PRO A 267 23.55 -10.33 -3.47
C PRO A 267 24.23 -10.52 -2.15
N LYS A 268 24.96 -9.53 -1.67
CA LYS A 268 25.45 -9.51 -0.33
C LYS A 268 24.92 -8.23 0.29
N PRO A 269 24.66 -8.25 1.59
CA PRO A 269 24.18 -7.04 2.21
C PRO A 269 25.20 -5.92 2.19
N LEU A 270 24.73 -4.69 2.16
CA LEU A 270 25.60 -3.56 2.23
C LEU A 270 25.84 -3.18 3.68
N THR A 271 27.05 -2.71 3.99
CA THR A 271 27.32 -2.16 5.30
C THR A 271 27.84 -0.76 5.11
N LEU A 272 27.26 0.20 5.84
CA LEU A 272 27.68 1.61 5.78
C LEU A 272 28.27 1.99 7.15
N ARG A 273 29.33 2.80 7.13
CA ARG A 273 29.94 3.29 8.38
C ARG A 273 30.37 4.74 8.19
N TRP A 274 30.12 5.59 9.16
CA TRP A 274 30.57 6.98 9.09
C TRP A 274 32.04 6.97 9.45
N GLU A 275 32.87 7.39 8.51
CA GLU A 275 34.25 7.73 8.84
C GLU A 275 34.61 9.23 8.67
N PRO A 276 34.37 9.83 7.45
CA PRO A 276 35.16 11.02 7.04
C PRO A 276 35.03 12.25 7.95
N MET B 1 -16.93 2.37 14.01
CA MET B 1 -15.52 2.04 13.69
C MET B 1 -14.71 1.86 15.02
N ILE B 2 -13.70 0.99 14.98
CA ILE B 2 -12.59 1.03 16.00
C ILE B 2 -11.83 2.39 15.97
N GLN B 3 -11.41 2.74 14.76
CA GLN B 3 -10.75 4.01 14.37
C GLN B 3 -9.24 4.00 14.58
N ARG B 4 -8.51 4.35 13.53
N ARG B 4 -8.51 4.31 13.51
CA ARG B 4 -7.06 4.44 13.60
CA ARG B 4 -7.03 4.39 13.57
C ARG B 4 -6.62 5.74 12.97
C ARG B 4 -6.61 5.73 12.96
N THR B 5 -5.78 6.49 13.68
CA THR B 5 -5.35 7.80 13.22
C THR B 5 -4.19 7.66 12.20
N PRO B 6 -4.14 8.56 11.21
CA PRO B 6 -3.11 8.42 10.20
C PRO B 6 -1.69 8.77 10.67
N LYS B 7 -0.77 7.97 10.23
CA LYS B 7 0.63 8.30 10.23
C LYS B 7 0.89 9.18 9.03
N ILE B 8 1.82 10.11 9.18
CA ILE B 8 2.06 11.10 8.10
C ILE B 8 3.58 11.26 7.91
N GLN B 9 4.02 11.12 6.69
CA GLN B 9 5.39 11.47 6.29
C GLN B 9 5.32 12.50 5.17
N VAL B 10 6.15 13.53 5.24
CA VAL B 10 6.29 14.60 4.22
C VAL B 10 7.74 14.61 3.75
N TYR B 11 7.90 14.49 2.44
CA TYR B 11 9.23 14.26 1.91
C TYR B 11 9.30 14.53 0.42
N SER B 12 10.48 14.80 -0.05
CA SER B 12 10.70 14.99 -1.48
C SER B 12 11.06 13.67 -2.12
N ARG B 13 10.75 13.54 -3.41
CA ARG B 13 11.10 12.34 -4.13
C ARG B 13 12.62 12.19 -4.22
N HIS B 14 13.27 13.28 -4.57
CA HIS B 14 14.73 13.33 -4.77
C HIS B 14 15.32 14.23 -3.70
N PRO B 15 16.63 14.09 -3.43
CA PRO B 15 17.23 15.04 -2.51
C PRO B 15 17.01 16.44 -2.97
N ALA B 16 16.64 17.32 -2.08
CA ALA B 16 16.24 18.63 -2.49
C ALA B 16 17.38 19.55 -2.77
N GLU B 17 17.32 20.29 -3.88
CA GLU B 17 18.25 21.30 -4.20
C GLU B 17 17.51 22.53 -4.67
N ASN B 18 17.86 23.68 -4.13
CA ASN B 18 17.17 24.88 -4.54
C ASN B 18 17.19 25.11 -6.01
N GLY B 19 16.03 25.45 -6.57
CA GLY B 19 15.94 25.75 -8.00
C GLY B 19 15.80 24.53 -8.89
N LYS B 20 15.86 23.31 -8.34
CA LYS B 20 15.72 22.13 -9.15
C LYS B 20 14.39 21.46 -8.95
N SER B 21 13.66 21.22 -10.06
CA SER B 21 12.34 20.61 -10.01
C SER B 21 12.37 19.24 -9.30
N ASN B 22 11.31 18.93 -8.58
CA ASN B 22 11.27 17.74 -7.73
C ASN B 22 9.77 17.42 -7.48
N PHE B 23 9.48 16.46 -6.65
CA PHE B 23 8.10 16.15 -6.25
C PHE B 23 8.03 16.19 -4.74
N LEU B 24 6.96 16.77 -4.23
CA LEU B 24 6.67 16.86 -2.79
C LEU B 24 5.61 15.79 -2.53
N ASN B 25 5.90 14.90 -1.60
CA ASN B 25 5.05 13.77 -1.25
C ASN B 25 4.51 13.95 0.14
N CYS B 26 3.26 13.58 0.33
CA CYS B 26 2.69 13.39 1.66
C CYS B 26 2.04 11.99 1.68
N TYR B 27 2.63 11.08 2.46
CA TYR B 27 2.24 9.67 2.52
C TYR B 27 1.49 9.56 3.82
N VAL B 28 0.21 9.20 3.70
CA VAL B 28 -0.64 8.98 4.86
CA VAL B 28 -0.65 9.01 4.83
C VAL B 28 -0.99 7.50 4.93
N SER B 29 -0.84 6.91 6.10
CA SER B 29 -1.02 5.49 6.21
C SER B 29 -1.52 5.09 7.57
N GLY B 30 -1.95 3.83 7.69
CA GLY B 30 -2.36 3.33 8.97
C GLY B 30 -3.66 3.85 9.51
N PHE B 31 -4.50 4.39 8.63
CA PHE B 31 -5.80 4.98 9.05
C PHE B 31 -7.00 4.12 8.74
N HIS B 32 -8.05 4.35 9.52
CA HIS B 32 -9.32 3.72 9.29
C HIS B 32 -10.34 4.58 10.03
N PRO B 33 -11.50 4.93 9.46
CA PRO B 33 -11.94 4.59 8.10
C PRO B 33 -11.27 5.39 7.04
N SER B 34 -11.65 5.13 5.75
CA SER B 34 -10.90 5.66 4.61
C SER B 34 -11.10 7.13 4.30
N ASP B 35 -12.20 7.74 4.68
CA ASP B 35 -12.41 9.14 4.29
C ASP B 35 -11.32 9.99 4.97
N ILE B 36 -10.63 10.79 4.19
CA ILE B 36 -9.49 11.56 4.68
C ILE B 36 -9.36 12.76 3.78
N GLU B 37 -8.93 13.91 4.32
CA GLU B 37 -8.72 15.10 3.51
C GLU B 37 -7.25 15.41 3.68
N VAL B 38 -6.57 15.65 2.58
CA VAL B 38 -5.12 15.88 2.62
C VAL B 38 -4.86 17.06 1.66
N ASP B 39 -4.21 18.12 2.14
CA ASP B 39 -3.75 19.21 1.29
C ASP B 39 -2.26 19.35 1.41
N LEU B 40 -1.64 19.76 0.31
CA LEU B 40 -0.26 20.18 0.39
C LEU B 40 -0.26 21.70 0.37
N LEU B 41 0.62 22.27 1.20
CA LEU B 41 0.66 23.70 1.43
C LEU B 41 2.02 24.29 1.06
N LYS B 42 1.98 25.46 0.43
CA LYS B 42 3.15 26.33 0.18
C LYS B 42 2.92 27.64 0.92
N ASN B 43 3.80 27.92 1.87
CA ASN B 43 3.66 29.08 2.77
C ASN B 43 2.23 29.22 3.26
N GLY B 44 1.67 28.09 3.66
CA GLY B 44 0.28 27.98 4.11
C GLY B 44 -0.86 28.05 3.09
N GLU B 45 -0.61 28.29 1.81
CA GLU B 45 -1.66 28.32 0.80
C GLU B 45 -1.85 26.91 0.22
N ARG B 46 -3.09 26.49 0.00
CA ARG B 46 -3.34 25.20 -0.61
C ARG B 46 -2.80 25.13 -2.03
N ILE B 47 -2.09 24.04 -2.34
CA ILE B 47 -1.61 23.77 -3.69
C ILE B 47 -2.74 23.08 -4.46
N GLU B 48 -3.15 23.67 -5.60
CA GLU B 48 -4.26 23.11 -6.41
C GLU B 48 -4.00 21.87 -7.22
N LYS B 49 -2.85 21.72 -7.85
CA LYS B 49 -2.80 20.59 -8.83
C LYS B 49 -2.46 19.20 -8.25
N VAL B 50 -2.72 18.98 -6.98
CA VAL B 50 -2.20 17.80 -6.27
C VAL B 50 -2.87 16.48 -6.72
N GLU B 51 -2.05 15.49 -6.99
CA GLU B 51 -2.53 14.18 -7.42
C GLU B 51 -2.45 13.24 -6.26
N HIS B 52 -3.16 12.11 -6.37
CA HIS B 52 -3.00 11.10 -5.37
C HIS B 52 -3.17 9.72 -5.95
N SER B 53 -2.67 8.75 -5.21
CA SER B 53 -2.78 7.34 -5.57
C SER B 53 -4.14 6.80 -5.33
N ASP B 54 -4.43 5.61 -5.85
CA ASP B 54 -5.68 4.96 -5.59
C ASP B 54 -5.70 4.29 -4.22
N LEU B 55 -6.78 4.43 -3.51
CA LEU B 55 -6.89 3.84 -2.17
C LEU B 55 -6.53 2.37 -2.13
N SER B 56 -5.64 2.01 -1.22
CA SER B 56 -5.36 0.58 -0.99
C SER B 56 -5.16 0.44 0.49
N PHE B 57 -4.88 -0.77 0.91
CA PHE B 57 -4.76 -1.07 2.34
C PHE B 57 -3.74 -2.17 2.63
N SER B 58 -3.36 -2.22 3.89
CA SER B 58 -2.31 -3.08 4.38
C SER B 58 -2.83 -4.36 4.99
N LYS B 59 -1.89 -5.15 5.53
CA LYS B 59 -2.23 -6.44 6.13
C LYS B 59 -3.21 -6.35 7.29
N ASP B 60 -3.21 -5.23 8.01
CA ASP B 60 -4.13 -5.02 9.11
C ASP B 60 -5.43 -4.33 8.74
N TRP B 61 -5.66 -4.18 7.42
CA TRP B 61 -6.81 -3.51 6.85
C TRP B 61 -6.73 -2.01 6.87
N SER B 62 -5.71 -1.42 7.48
CA SER B 62 -5.63 0.05 7.45
C SER B 62 -5.26 0.58 6.06
N PHE B 63 -5.70 1.79 5.79
CA PHE B 63 -5.58 2.40 4.49
C PHE B 63 -4.28 3.17 4.34
N TYR B 64 -3.86 3.31 3.08
CA TYR B 64 -2.78 4.24 2.80
C TYR B 64 -3.00 4.96 1.44
N LEU B 65 -2.48 6.20 1.38
CA LEU B 65 -2.58 7.05 0.18
C LEU B 65 -1.31 7.89 0.08
N LEU B 66 -0.87 8.12 -1.14
CA LEU B 66 0.15 9.08 -1.45
C LEU B 66 -0.43 10.25 -2.20
N TYR B 67 -0.23 11.46 -1.67
CA TYR B 67 -0.56 12.74 -2.33
C TYR B 67 0.74 13.40 -2.75
N TYR B 68 0.73 14.00 -3.94
CA TYR B 68 1.98 14.55 -4.42
C TYR B 68 1.80 15.62 -5.46
N THR B 69 2.83 16.46 -5.57
CA THR B 69 2.83 17.51 -6.60
C THR B 69 4.27 17.75 -7.03
N GLU B 70 4.41 18.19 -8.27
CA GLU B 70 5.70 18.73 -8.71
C GLU B 70 5.91 20.04 -7.99
N PHE B 71 7.18 20.33 -7.66
CA PHE B 71 7.49 21.56 -7.02
C PHE B 71 8.96 21.86 -7.21
N THR B 72 9.32 23.11 -6.97
CA THR B 72 10.72 23.49 -7.07
C THR B 72 11.08 24.10 -5.75
N PRO B 73 11.87 23.42 -4.91
CA PRO B 73 12.22 23.99 -3.65
C PRO B 73 13.05 25.28 -3.79
N THR B 74 12.89 26.21 -2.86
CA THR B 74 13.74 27.42 -2.80
C THR B 74 14.18 27.63 -1.37
N GLU B 75 15.15 28.55 -1.12
CA GLU B 75 15.56 28.78 0.29
C GLU B 75 14.44 29.36 1.18
N LYS B 76 13.50 30.10 0.60
CA LYS B 76 12.50 30.89 1.32
C LYS B 76 11.23 30.10 1.64
N ASP B 77 10.83 29.24 0.72
CA ASP B 77 9.47 28.70 0.71
C ASP B 77 9.33 27.53 1.69
N GLU B 78 8.30 27.52 2.51
CA GLU B 78 8.05 26.39 3.41
C GLU B 78 6.86 25.57 2.89
N TYR B 79 7.03 24.27 2.93
CA TYR B 79 6.03 23.36 2.46
C TYR B 79 5.58 22.47 3.62
N ALA B 80 4.32 22.04 3.52
CA ALA B 80 3.70 21.22 4.57
C ALA B 80 2.55 20.45 4.02
N CYS B 81 2.14 19.47 4.81
CA CYS B 81 0.96 18.68 4.49
C CYS B 81 -0.02 18.86 5.61
N ARG B 82 -1.29 19.08 5.25
CA ARG B 82 -2.38 19.25 6.26
C ARG B 82 -3.38 18.11 6.09
N VAL B 83 -3.68 17.42 7.18
CA VAL B 83 -4.49 16.20 7.12
C VAL B 83 -5.63 16.31 8.08
N ASN B 84 -6.84 15.96 7.63
CA ASN B 84 -7.97 15.82 8.53
C ASN B 84 -8.60 14.46 8.38
N HIS B 85 -9.10 13.96 9.50
CA HIS B 85 -9.69 12.63 9.59
C HIS B 85 -10.53 12.61 10.82
N VAL B 86 -11.47 11.68 10.87
CA VAL B 86 -12.43 11.64 11.96
C VAL B 86 -11.74 11.44 13.32
N THR B 87 -10.56 10.83 13.32
CA THR B 87 -9.77 10.69 14.58
C THR B 87 -9.08 11.96 15.10
N LEU B 88 -9.05 13.03 14.30
CA LEU B 88 -8.38 14.31 14.67
C LEU B 88 -9.40 15.35 15.06
N SER B 89 -9.19 16.02 16.19
CA SER B 89 -10.07 17.10 16.64
C SER B 89 -9.95 18.35 15.77
N GLN B 90 -8.78 18.57 15.20
CA GLN B 90 -8.61 19.53 14.13
C GLN B 90 -7.49 19.07 13.20
N PRO B 91 -7.36 19.71 12.01
CA PRO B 91 -6.38 19.22 11.09
C PRO B 91 -4.94 19.23 11.60
N LYS B 92 -4.17 18.23 11.21
CA LYS B 92 -2.77 18.11 11.60
C LYS B 92 -1.92 18.65 10.48
N ILE B 93 -1.00 19.55 10.80
CA ILE B 93 -0.10 20.08 9.80
C ILE B 93 1.29 19.54 10.13
N VAL B 94 1.95 18.93 9.13
CA VAL B 94 3.30 18.43 9.26
C VAL B 94 4.18 19.14 8.23
N LYS B 95 5.15 19.90 8.73
CA LYS B 95 6.09 20.64 7.87
C LYS B 95 7.12 19.72 7.25
N TRP B 96 7.47 20.02 6.00
CA TRP B 96 8.50 19.28 5.28
C TRP B 96 9.88 19.60 5.87
N ASP B 97 10.63 18.58 6.27
CA ASP B 97 12.06 18.71 6.66
C ASP B 97 12.96 18.02 5.60
N ARG B 98 13.91 18.72 5.00
CA ARG B 98 14.79 18.12 3.92
C ARG B 98 15.60 16.76 4.19
N ASP B 99 15.94 16.41 5.45
CA ASP B 99 16.60 15.11 5.67
C ASP B 99 15.77 14.15 6.51
N MET B 100 14.47 14.12 6.24
CA MET B 100 13.56 13.13 6.83
C MET B 100 12.67 12.53 5.77
N TYR C 1 -6.01 -10.57 -14.06
CA TYR C 1 -7.32 -11.09 -14.57
C TYR C 1 -8.19 -11.44 -13.39
N LEU C 2 -9.29 -10.72 -13.21
CA LEU C 2 -10.16 -10.88 -12.06
C LEU C 2 -10.90 -12.23 -12.06
N GLU C 3 -11.24 -12.69 -10.89
N GLU C 3 -11.26 -12.66 -10.86
CA GLU C 3 -12.12 -13.85 -10.78
CA GLU C 3 -12.23 -13.74 -10.62
C GLU C 3 -13.53 -13.40 -11.25
C GLU C 3 -13.54 -13.33 -11.32
N PRO C 4 -14.27 -14.25 -11.97
CA PRO C 4 -15.47 -13.76 -12.72
C PRO C 4 -16.78 -13.58 -11.98
N ALA C 5 -16.93 -14.13 -10.79
CA ALA C 5 -18.29 -14.28 -10.24
C ALA C 5 -18.25 -14.18 -8.73
N PRO C 6 -17.97 -13.00 -8.16
CA PRO C 6 -17.99 -12.87 -6.69
C PRO C 6 -19.39 -13.13 -6.07
N VAL C 7 -19.52 -14.13 -5.18
CA VAL C 7 -20.78 -14.47 -4.56
C VAL C 7 -21.05 -13.62 -3.34
N THR C 8 -22.32 -13.21 -3.19
CA THR C 8 -22.71 -12.38 -2.05
C THR C 8 -22.59 -13.09 -0.70
N ALA C 9 -22.28 -12.34 0.31
CA ALA C 9 -22.17 -12.84 1.71
C ALA C 9 -23.47 -13.18 2.34
C1 EDO D . -22.18 -0.37 -6.84
O1 EDO D . -23.48 0.02 -6.36
C2 EDO D . -21.11 0.71 -6.62
O2 EDO D . -20.85 0.90 -5.25
C1 EDO E . -22.70 1.15 -15.51
O1 EDO E . -21.95 0.40 -16.47
C2 EDO E . -21.85 2.37 -15.24
O2 EDO E . -20.83 1.94 -14.38
C1 EDO F . -19.57 0.39 -10.50
O1 EDO F . -20.69 -0.48 -10.51
C2 EDO F . -20.10 1.80 -10.42
O2 EDO F . -19.05 2.67 -10.78
C1 EDO G . -17.12 -26.04 -0.73
O1 EDO G . -16.29 -25.87 -1.90
C2 EDO G . -16.34 -26.18 0.57
O2 EDO G . -16.15 -24.96 1.28
C1 EDO H . 15.99 2.85 -11.62
O1 EDO H . 17.01 3.79 -12.04
C2 EDO H . 15.77 2.95 -10.11
O2 EDO H . 15.35 4.29 -9.82
C1 EDO I . -17.88 -6.48 12.37
O1 EDO I . -16.55 -5.97 12.16
C2 EDO I . -18.88 -5.36 12.55
O2 EDO I . -18.57 -4.59 13.69
C1 EDO J . 1.10 -5.29 -3.30
O1 EDO J . 0.40 -6.54 -3.29
C2 EDO J . 0.38 -4.29 -2.44
O2 EDO J . 0.36 -4.84 -1.13
C1 EDO K . 21.71 0.64 -7.22
O1 EDO K . 21.93 -0.60 -7.94
C2 EDO K . 22.74 0.72 -6.10
O2 EDO K . 22.72 -0.40 -5.21
C1 EDO L . 32.18 -0.99 6.24
O1 EDO L . 33.16 -0.29 7.03
C2 EDO L . 32.43 -2.49 6.34
O2 EDO L . 32.77 -2.83 7.69
C1 EDO M . 13.50 -12.50 -11.29
O1 EDO M . 12.95 -11.43 -10.50
C2 EDO M . 12.38 -13.14 -12.07
O2 EDO M . 11.68 -14.08 -11.24
C1 GOL N . 17.16 15.74 12.39
O1 GOL N . 17.67 15.30 11.13
C2 GOL N . 18.10 15.30 13.51
O2 GOL N . 19.15 14.50 12.98
C3 GOL N . 17.40 14.45 14.57
O3 GOL N . 16.83 13.30 13.95
C1 GOL O . 5.44 3.88 -5.66
O1 GOL O . 6.61 4.73 -5.76
C2 GOL O . 4.25 4.48 -6.43
O2 GOL O . 4.65 4.95 -7.72
C3 GOL O . 3.54 5.64 -5.76
O3 GOL O . 2.86 6.46 -6.76
C1 GOL P . -16.32 7.99 0.54
O1 GOL P . -16.26 8.50 -0.82
C2 GOL P . -17.69 7.48 0.99
O2 GOL P . -18.64 8.13 0.17
C3 GOL P . -18.09 7.77 2.45
O3 GOL P . -18.15 9.18 2.70
C1 GOL Q . -25.45 0.38 0.18
O1 GOL Q . -25.79 1.71 0.45
C2 GOL Q . -26.58 -0.49 0.72
O2 GOL Q . -26.42 -0.53 2.14
C3 GOL Q . -26.41 -1.83 0.05
O3 GOL Q . -27.52 -2.77 0.08
C1 GOL R . 26.96 6.78 -0.30
O1 GOL R . 26.08 7.81 -0.71
C2 GOL R . 28.15 7.37 0.44
O2 GOL R . 28.19 8.80 0.21
C3 GOL R . 28.07 7.03 1.92
O3 GOL R . 27.08 7.83 2.57
C1 GOL S . 18.94 8.25 -5.12
O1 GOL S . 17.70 7.83 -5.71
C2 GOL S . 18.87 9.74 -5.06
O2 GOL S . 17.67 9.98 -4.34
C3 GOL S . 18.82 10.26 -6.48
O3 GOL S . 17.54 10.84 -6.75
C1 GOL T . -16.01 5.68 -21.07
O1 GOL T . -15.55 5.62 -22.43
C2 GOL T . -17.23 6.59 -21.00
O2 GOL T . -18.18 6.00 -20.11
C3 GOL T . -16.95 8.02 -20.52
O3 GOL T . -15.70 8.49 -21.01
C1 GOL U . -11.65 -14.07 8.55
O1 GOL U . -11.67 -14.51 9.89
C2 GOL U . -10.44 -13.31 7.98
O2 GOL U . -10.77 -12.07 7.14
C3 GOL U . -9.47 -13.24 9.14
O3 GOL U . -9.11 -14.48 9.74
C1 GOL V . 1.14 -26.46 -11.01
O1 GOL V . 1.55 -27.07 -9.78
C2 GOL V . 0.60 -25.09 -10.64
O2 GOL V . 1.37 -24.06 -11.28
C3 GOL V . -0.91 -24.89 -10.92
O3 GOL V . -1.11 -23.79 -11.85
C1 GOL W . 13.92 8.50 -6.57
O1 GOL W . 13.57 7.23 -7.11
C2 GOL W . 14.53 8.46 -5.19
O2 GOL W . 15.74 7.78 -5.06
C3 GOL W . 13.69 7.81 -4.11
O3 GOL W . 13.25 6.49 -4.20
S SO4 X . -23.33 10.66 2.14
O1 SO4 X . -23.41 9.62 3.18
O2 SO4 X . -21.93 10.79 1.63
O3 SO4 X . -24.22 10.36 0.98
O4 SO4 X . -23.75 11.95 2.76
S SO4 Y . -25.16 1.61 14.67
O1 SO4 Y . -25.09 3.03 15.14
O2 SO4 Y . -24.76 0.70 15.78
O3 SO4 Y . -26.55 1.33 14.29
O4 SO4 Y . -24.23 1.42 13.53
S SO4 Z . -11.77 11.39 -3.00
O1 SO4 Z . -10.93 12.19 -2.06
O2 SO4 Z . -11.99 10.10 -2.31
O3 SO4 Z . -13.06 12.07 -3.22
O4 SO4 Z . -11.10 11.24 -4.31
S SO4 AA . 7.78 -16.61 -0.54
O1 SO4 AA . 8.57 -15.46 -0.05
O2 SO4 AA . 7.72 -17.65 0.51
O3 SO4 AA . 6.41 -16.18 -0.89
O4 SO4 AA . 8.45 -17.17 -1.75
S SO4 BA . 0.26 3.69 -17.68
O1 SO4 BA . 1.44 3.29 -16.90
O2 SO4 BA . -0.50 2.49 -18.09
O3 SO4 BA . -0.61 4.55 -16.85
O4 SO4 BA . 0.70 4.45 -18.89
C1 EDO CA . 7.76 14.83 8.15
O1 EDO CA . 7.81 13.46 7.66
C2 EDO CA . 9.13 15.51 8.08
O2 EDO CA . 9.50 15.97 6.77
C1 EDO DA . 14.86 12.30 -0.90
O1 EDO DA . 16.16 11.74 -1.11
C2 EDO DA . 14.17 11.50 0.20
O2 EDO DA . 13.11 12.29 0.74
C1 EDO EA . 11.65 9.69 -11.73
O1 EDO EA . 12.39 9.40 -10.54
C2 EDO EA . 11.93 11.14 -12.05
O2 EDO EA . 11.36 11.94 -11.00
C1 EDO FA . -5.78 -7.59 4.14
O1 EDO FA . -4.66 -7.35 3.28
C2 EDO FA . -5.66 -8.67 5.23
O2 EDO FA . -4.34 -9.07 5.59
C1 EDO GA . 3.45 26.14 6.29
O1 EDO GA . 3.99 25.27 7.28
C2 EDO GA . 4.16 25.85 4.97
O2 EDO GA . 3.21 25.72 3.91
C1 EDO HA . -12.58 7.27 0.15
O1 EDO HA . -13.07 6.95 1.47
C2 EDO HA . -11.02 7.38 0.04
O2 EDO HA . -10.29 8.32 0.93
S SO4 IA . 18.35 13.45 1.23
O1 SO4 IA . 18.09 14.15 2.51
O2 SO4 IA . 19.71 13.78 0.74
O3 SO4 IA . 18.22 11.97 1.43
O4 SO4 IA . 17.32 13.89 0.28
S SO4 JA . -12.49 13.92 7.09
O1 SO4 JA . -12.67 15.39 7.21
O2 SO4 JA . -12.63 13.35 8.45
O3 SO4 JA . -13.46 13.33 6.15
O4 SO4 JA . -11.14 13.67 6.55
S SO4 KA . 7.87 22.69 -10.64
O1 SO4 KA . 7.99 23.89 -9.77
O2 SO4 KA . 8.91 21.69 -10.27
O3 SO4 KA . 6.52 22.11 -10.41
O4 SO4 KA . 8.05 22.99 -12.08
C1 EDO LA . -16.18 -15.37 -3.68
O1 EDO LA . -17.23 -15.74 -4.56
C2 EDO LA . -16.76 -14.89 -2.40
O2 EDO LA . -17.40 -13.61 -2.58
C1 EDO MA . -17.69 -18.40 -6.91
O1 EDO MA . -18.24 -17.89 -8.14
C2 EDO MA . -16.20 -18.21 -6.90
O2 EDO MA . -15.92 -16.82 -6.64
#